data_5HTX
#
_entry.id   5HTX
#
_cell.length_a   49.527
_cell.length_b   87.486
_cell.length_c   53.361
_cell.angle_alpha   90.00
_cell.angle_beta   97.29
_cell.angle_gamma   90.00
#
_symmetry.space_group_name_H-M   'P 1 21 1'
#
loop_
_entity.id
_entity.type
_entity.pdbx_description
1 polymer 'Putative xylulose kinase'
2 non-polymer "ADENOSINE-5'-DIPHOSPHATE"
3 water water
#
_entity_poly.entity_id   1
_entity_poly.type   'polypeptide(L)'
_entity_poly.pdbx_seq_one_letter_code
;SNAVMSGNKGTNYEKLYLGMDFGTSGGRFTVIDEQGEIKAQGKREYPPFMKEESMGWASSWKATLFSLLEDIPVTVRSLV
SSISLDGTSATTLILNSESGEVLCQPYLYNQSCPDALPEVKSIAPANHTVCSGTSTLCKLVSWWNTEVPNRESAVLLHQA
DWLLWLLHGRLGVSDYNNALKVGYDPESESYPSWLLGQPYSQLLPKVQAPGTSIGNLKESFTRQFGFPDDCIVCTGTTDS
IAAFLAARATEPGKAVTSLGSTLAIKLLSTKRVDDARYGVYSHRLDDKWLVGGASNTGGAILRQLFSDEQLERLSQEINP
MVGSPLDYYPLQSSGERFPIADPNLAPRLLPRPESDVEFLHGILESIARIEGKGYKLLKELGATEAEEVLTAGGGAKNDK
WIKIRQRVLGLPVKKAVHTEASYGASLLALKGAKQNSGL
;
_entity_poly.pdbx_strand_id   A
#
# COMPACT_ATOMS: atom_id res chain seq x y z
N GLU A 14 12.05 26.27 -5.76
CA GLU A 14 11.13 27.17 -5.08
C GLU A 14 9.94 26.30 -4.71
N LYS A 15 9.16 25.82 -5.70
CA LYS A 15 7.93 25.08 -5.38
C LYS A 15 8.23 23.76 -4.68
N LEU A 16 7.39 23.44 -3.69
CA LEU A 16 7.49 22.20 -2.94
C LEU A 16 6.23 21.34 -3.08
N TYR A 17 6.33 20.09 -2.62
CA TYR A 17 5.30 19.09 -2.88
C TYR A 17 5.06 18.28 -1.64
N LEU A 18 3.78 18.22 -1.20
CA LEU A 18 3.46 17.59 0.07
C LEU A 18 2.79 16.24 -0.13
N GLY A 19 3.28 15.23 0.56
CA GLY A 19 2.65 13.92 0.58
C GLY A 19 2.30 13.57 2.02
N MET A 20 1.11 12.98 2.24
CA MET A 20 0.77 12.49 3.58
C MET A 20 0.39 11.04 3.50
N ASP A 21 0.60 10.30 4.59
CA ASP A 21 0.34 8.87 4.69
C ASP A 21 -0.53 8.61 5.91
N PHE A 22 -1.76 8.17 5.68
CA PHE A 22 -2.65 7.82 6.78
C PHE A 22 -2.60 6.31 6.90
N GLY A 23 -1.80 5.87 7.86
CA GLY A 23 -1.55 4.45 8.07
C GLY A 23 -2.46 3.83 9.10
N THR A 24 -2.03 2.70 9.63
CA THR A 24 -2.91 1.96 10.52
C THR A 24 -3.03 2.62 11.91
N SER A 25 -2.01 3.36 12.33
CA SER A 25 -2.04 3.90 13.68
C SER A 25 -1.80 5.39 13.75
N GLY A 26 -1.29 5.97 12.68
CA GLY A 26 -1.05 7.38 12.69
C GLY A 26 -0.81 7.92 11.31
N GLY A 27 -0.60 9.22 11.25
CA GLY A 27 -0.35 9.93 10.01
C GLY A 27 1.09 10.40 9.93
N ARG A 28 1.59 10.50 8.71
CA ARG A 28 2.94 11.00 8.49
C ARG A 28 2.93 11.94 7.30
N PHE A 29 3.87 12.88 7.26
CA PHE A 29 4.00 13.70 6.07
C PHE A 29 5.44 13.83 5.62
N THR A 30 5.61 14.08 4.32
CA THR A 30 6.87 14.44 3.72
C THR A 30 6.66 15.61 2.77
N VAL A 31 7.55 16.60 2.80
CA VAL A 31 7.56 17.65 1.77
C VAL A 31 8.88 17.55 1.00
N ILE A 32 8.80 17.51 -0.33
CA ILE A 32 9.99 17.48 -1.18
C ILE A 32 10.05 18.63 -2.16
N ASP A 33 11.25 18.90 -2.68
CA ASP A 33 11.34 19.73 -3.89
C ASP A 33 11.26 18.82 -5.11
N GLU A 34 11.37 19.40 -6.30
CA GLU A 34 11.16 18.62 -7.53
C GLU A 34 12.27 17.57 -7.74
N GLN A 35 13.43 17.78 -7.13
CA GLN A 35 14.53 16.81 -7.19
C GLN A 35 14.39 15.68 -6.16
N GLY A 36 13.34 15.74 -5.34
CA GLY A 36 13.13 14.66 -4.37
C GLY A 36 13.85 14.86 -3.06
N GLU A 37 14.46 16.02 -2.84
CA GLU A 37 15.09 16.36 -1.55
C GLU A 37 14.02 16.69 -0.51
N ILE A 38 14.14 16.09 0.68
CA ILE A 38 13.15 16.28 1.73
C ILE A 38 13.42 17.59 2.46
N LYS A 39 12.39 18.44 2.56
CA LYS A 39 12.52 19.73 3.27
C LYS A 39 11.87 19.68 4.66
N ALA A 40 10.88 18.80 4.84
CA ALA A 40 10.22 18.67 6.12
C ALA A 40 9.57 17.31 6.19
N GLN A 41 9.47 16.74 7.40
CA GLN A 41 8.79 15.48 7.55
C GLN A 41 8.33 15.36 9.01
N GLY A 42 7.30 14.56 9.24
CA GLY A 42 6.81 14.42 10.60
C GLY A 42 5.74 13.37 10.71
N LYS A 43 5.35 13.09 11.94
CA LYS A 43 4.42 12.02 12.24
C LYS A 43 3.60 12.39 13.44
N ARG A 44 2.39 11.83 13.47
CA ARG A 44 1.50 12.01 14.60
C ARG A 44 0.67 10.74 14.79
N GLU A 45 0.51 10.30 16.05
CA GLU A 45 -0.41 9.21 16.33
C GLU A 45 -1.87 9.71 16.27
N TYR A 46 -2.80 8.86 15.85
CA TYR A 46 -4.21 9.29 15.82
C TYR A 46 -4.69 9.56 17.25
N PRO A 47 -5.40 10.67 17.48
CA PRO A 47 -5.96 10.95 18.82
C PRO A 47 -7.22 10.14 19.08
N PRO A 48 -7.68 10.12 20.34
CA PRO A 48 -8.95 9.42 20.62
C PRO A 48 -10.10 10.10 19.93
N PHE A 49 -11.22 9.40 19.78
CA PHE A 49 -12.44 10.06 19.35
C PHE A 49 -13.48 9.88 20.46
N MET A 50 -14.49 10.74 20.44
CA MET A 50 -15.56 10.71 21.41
C MET A 50 -16.41 9.46 21.22
N LYS A 51 -16.71 8.73 22.31
CA LYS A 51 -17.52 7.50 22.21
C LYS A 51 -18.78 7.67 21.36
N GLU A 52 -19.45 8.81 21.52
CA GLU A 52 -20.73 9.07 20.87
C GLU A 52 -20.62 9.53 19.44
N GLU A 53 -19.40 9.80 18.97
CA GLU A 53 -19.20 10.35 17.64
C GLU A 53 -19.44 9.29 16.56
N SER A 54 -20.50 9.49 15.79
CA SER A 54 -20.84 8.58 14.68
C SER A 54 -19.76 8.51 13.59
N MET A 55 -18.93 9.54 13.44
CA MET A 55 -17.77 9.46 12.52
C MET A 55 -16.71 8.44 13.00
N GLY A 56 -16.70 8.14 14.30
CA GLY A 56 -15.68 7.26 14.86
C GLY A 56 -14.26 7.69 14.52
N TRP A 57 -13.47 6.73 14.06
CA TRP A 57 -12.09 7.00 13.73
C TRP A 57 -11.93 8.14 12.73
N ALA A 58 -12.92 8.34 11.83
CA ALA A 58 -12.76 9.42 10.87
C ALA A 58 -12.55 10.78 11.56
N SER A 59 -13.18 11.00 12.71
CA SER A 59 -12.97 12.29 13.40
C SER A 59 -11.50 12.39 13.85
N SER A 60 -10.93 11.27 14.26
CA SER A 60 -9.50 11.25 14.62
C SER A 60 -8.63 11.51 13.42
N TRP A 61 -8.96 10.88 12.30
CA TRP A 61 -8.15 11.09 11.08
C TRP A 61 -8.16 12.57 10.65
N LYS A 62 -9.33 13.20 10.69
CA LYS A 62 -9.44 14.59 10.32
C LYS A 62 -8.61 15.44 11.30
N ALA A 63 -8.65 15.11 12.59
CA ALA A 63 -7.85 15.84 13.57
C ALA A 63 -6.35 15.73 13.21
N THR A 64 -5.93 14.51 12.86
CA THR A 64 -4.53 14.27 12.50
C THR A 64 -4.14 15.02 11.23
N LEU A 65 -5.03 15.07 10.23
CA LEU A 65 -4.77 15.91 9.03
C LEU A 65 -4.48 17.34 9.43
N PHE A 66 -5.33 17.94 10.26
CA PHE A 66 -5.10 19.33 10.66
C PHE A 66 -3.82 19.50 11.50
N SER A 67 -3.51 18.55 12.38
CA SER A 67 -2.28 18.59 13.16
C SER A 67 -1.04 18.49 12.27
N LEU A 68 -1.05 17.56 11.30
CA LEU A 68 0.09 17.40 10.38
C LEU A 68 0.30 18.69 9.58
N LEU A 69 -0.78 19.30 9.07
CA LEU A 69 -0.62 20.52 8.32
C LEU A 69 0.05 21.62 9.18
N GLU A 70 -0.42 21.78 10.41
CA GLU A 70 0.13 22.76 11.33
C GLU A 70 1.61 22.48 11.62
N ASP A 71 1.99 21.20 11.63
CA ASP A 71 3.39 20.82 11.92
C ASP A 71 4.35 21.17 10.80
N ILE A 72 3.86 21.30 9.57
CA ILE A 72 4.72 21.77 8.47
C ILE A 72 5.17 23.21 8.78
N PRO A 73 6.49 23.50 8.75
CA PRO A 73 6.89 24.90 9.00
C PRO A 73 6.16 25.90 8.09
N VAL A 74 5.73 27.03 8.63
CA VAL A 74 4.95 27.98 7.84
C VAL A 74 5.71 28.43 6.56
N THR A 75 7.05 28.58 6.64
CA THR A 75 7.79 28.96 5.44
C THR A 75 7.73 27.86 4.38
N VAL A 76 7.70 26.60 4.81
CA VAL A 76 7.54 25.51 3.87
C VAL A 76 6.13 25.46 3.28
N ARG A 77 5.10 25.62 4.11
CA ARG A 77 3.71 25.65 3.64
C ARG A 77 3.53 26.68 2.55
N SER A 78 4.22 27.82 2.68
CA SER A 78 4.01 28.92 1.73
C SER A 78 4.53 28.58 0.32
N LEU A 79 5.34 27.51 0.23
CA LEU A 79 5.90 27.08 -1.06
C LEU A 79 5.22 25.83 -1.62
N VAL A 80 4.34 25.18 -0.83
CA VAL A 80 3.77 23.92 -1.24
C VAL A 80 2.71 24.14 -2.35
N SER A 81 2.93 23.50 -3.49
CA SER A 81 2.22 23.76 -4.75
C SER A 81 1.23 22.66 -5.08
N SER A 82 1.45 21.49 -4.50
CA SER A 82 0.63 20.31 -4.77
C SER A 82 0.62 19.42 -3.55
N ILE A 83 -0.53 18.78 -3.29
CA ILE A 83 -0.74 17.89 -2.17
C ILE A 83 -1.33 16.59 -2.65
N SER A 84 -0.80 15.46 -2.18
CA SER A 84 -1.45 14.15 -2.36
C SER A 84 -1.35 13.37 -1.06
N LEU A 85 -2.12 12.29 -0.95
CA LEU A 85 -2.01 11.46 0.24
C LEU A 85 -2.47 10.04 -0.01
N ASP A 86 -1.94 9.14 0.80
CA ASP A 86 -2.32 7.71 0.71
C ASP A 86 -3.07 7.35 1.98
N GLY A 87 -3.91 6.32 1.89
CA GLY A 87 -4.57 5.78 3.07
C GLY A 87 -4.56 4.25 3.01
N THR A 88 -5.20 3.64 3.99
CA THR A 88 -5.18 2.19 4.02
C THR A 88 -6.22 1.58 3.05
N SER A 89 -5.85 0.44 2.50
CA SER A 89 -6.65 -0.23 1.49
C SER A 89 -8.00 -0.73 1.99
N ALA A 90 -9.07 -0.42 1.25
CA ALA A 90 -10.44 -0.87 1.57
C ALA A 90 -10.98 -0.30 2.90
N THR A 91 -10.38 0.78 3.39
CA THR A 91 -10.96 1.53 4.51
C THR A 91 -12.02 2.41 3.89
N THR A 92 -13.28 2.15 4.26
CA THR A 92 -14.44 2.60 3.52
C THR A 92 -15.34 3.50 4.34
N LEU A 93 -15.70 4.66 3.79
CA LEU A 93 -16.65 5.59 4.42
C LEU A 93 -17.87 5.75 3.54
N ILE A 94 -19.01 5.99 4.18
CA ILE A 94 -20.24 6.31 3.47
C ILE A 94 -20.72 7.66 3.93
N LEU A 95 -20.98 8.56 2.98
CA LEU A 95 -21.38 9.95 3.30
C LEU A 95 -22.71 10.28 2.69
N ASN A 96 -23.44 11.20 3.30
CA ASN A 96 -24.56 11.78 2.58
C ASN A 96 -24.03 12.76 1.55
N SER A 97 -24.54 12.71 0.32
CA SER A 97 -23.96 13.54 -0.76
C SER A 97 -24.22 15.03 -0.58
N GLU A 98 -25.31 15.42 0.08
CA GLU A 98 -25.67 16.85 0.22
C GLU A 98 -24.95 17.49 1.39
N SER A 99 -24.93 16.80 2.52
CA SER A 99 -24.40 17.39 3.76
C SER A 99 -22.94 17.07 4.02
N GLY A 100 -22.44 15.99 3.41
CA GLY A 100 -21.11 15.49 3.72
C GLY A 100 -21.01 14.72 5.00
N GLU A 101 -22.15 14.49 5.66
CA GLU A 101 -22.13 13.76 6.93
C GLU A 101 -21.65 12.32 6.72
N VAL A 102 -20.68 11.89 7.52
CA VAL A 102 -20.27 10.48 7.53
C VAL A 102 -21.38 9.69 8.24
N LEU A 103 -21.94 8.71 7.56
CA LEU A 103 -23.19 8.11 8.01
C LEU A 103 -22.98 6.97 9.03
N CYS A 104 -21.76 6.48 9.15
CA CYS A 104 -21.48 5.41 10.10
C CYS A 104 -19.99 5.38 10.33
N GLN A 105 -19.55 4.62 11.33
CA GLN A 105 -18.13 4.52 11.62
C GLN A 105 -17.49 3.81 10.43
N PRO A 106 -16.27 4.23 10.07
CA PRO A 106 -15.66 3.63 8.88
C PRO A 106 -15.47 2.12 9.00
N TYR A 107 -15.58 1.46 7.85
CA TYR A 107 -15.20 0.06 7.78
C TYR A 107 -13.68 0.00 7.56
N LEU A 108 -12.96 -0.49 8.56
CA LEU A 108 -11.48 -0.44 8.50
C LEU A 108 -10.91 -1.48 7.53
N TYR A 109 -9.68 -1.23 7.08
CA TYR A 109 -9.01 -2.08 6.12
C TYR A 109 -9.10 -3.55 6.49
N ASN A 110 -8.93 -3.90 7.78
CA ASN A 110 -8.90 -5.31 8.16
C ASN A 110 -10.21 -5.83 8.77
N GLN A 111 -11.25 -5.02 8.70
CA GLN A 111 -12.57 -5.41 9.14
C GLN A 111 -13.26 -6.16 8.00
N SER A 112 -13.95 -7.24 8.35
CA SER A 112 -14.60 -8.09 7.38
C SER A 112 -16.13 -8.03 7.47
N CYS A 113 -16.79 -8.16 6.32
CA CYS A 113 -18.25 -8.25 6.26
C CYS A 113 -18.67 -9.56 5.62
N PRO A 114 -18.48 -10.67 6.34
CA PRO A 114 -18.77 -11.99 5.77
C PRO A 114 -20.26 -12.14 5.38
N ASP A 115 -21.15 -11.35 5.98
CA ASP A 115 -22.58 -11.39 5.67
C ASP A 115 -22.85 -11.09 4.18
N ALA A 116 -21.97 -10.29 3.56
CA ALA A 116 -22.19 -9.80 2.22
C ALA A 116 -21.48 -10.65 1.18
N LEU A 117 -20.62 -11.55 1.62
CA LEU A 117 -19.78 -12.24 0.68
C LEU A 117 -20.56 -13.15 -0.28
N PRO A 118 -21.60 -13.87 0.18
CA PRO A 118 -22.34 -14.67 -0.80
C PRO A 118 -22.96 -13.82 -1.91
N GLU A 119 -23.47 -12.64 -1.54
CA GLU A 119 -24.05 -11.77 -2.54
C GLU A 119 -22.96 -11.29 -3.51
N VAL A 120 -21.79 -10.92 -2.98
CA VAL A 120 -20.71 -10.50 -3.87
C VAL A 120 -20.27 -11.64 -4.81
N LYS A 121 -20.18 -12.87 -4.29
CA LYS A 121 -19.79 -13.99 -5.12
C LYS A 121 -20.87 -14.27 -6.17
N SER A 122 -22.11 -13.90 -5.89
CA SER A 122 -23.19 -14.16 -6.85
C SER A 122 -23.10 -13.23 -8.06
N ILE A 123 -22.53 -12.03 -7.91
CA ILE A 123 -22.49 -11.09 -9.04
C ILE A 123 -21.13 -10.99 -9.71
N ALA A 124 -20.06 -11.25 -8.95
CA ALA A 124 -18.72 -11.04 -9.46
C ALA A 124 -18.14 -12.27 -10.15
N PRO A 125 -17.17 -12.05 -11.06
CA PRO A 125 -16.50 -13.17 -11.71
C PRO A 125 -15.83 -14.06 -10.68
N ALA A 126 -15.69 -15.33 -11.01
CA ALA A 126 -15.07 -16.28 -10.08
C ALA A 126 -13.67 -15.82 -9.65
N ASN A 127 -13.41 -15.87 -8.35
CA ASN A 127 -12.13 -15.50 -7.78
C ASN A 127 -11.68 -14.07 -8.05
N HIS A 128 -12.63 -13.20 -8.31
CA HIS A 128 -12.32 -11.78 -8.40
C HIS A 128 -11.77 -11.29 -7.06
N THR A 129 -10.94 -10.25 -7.11
CA THR A 129 -10.33 -9.72 -5.90
C THR A 129 -11.40 -9.19 -4.91
N VAL A 130 -12.59 -8.84 -5.42
CA VAL A 130 -13.64 -8.39 -4.48
C VAL A 130 -14.19 -9.54 -3.62
N CYS A 131 -13.93 -10.79 -4.02
CA CYS A 131 -14.55 -11.92 -3.30
C CYS A 131 -13.79 -12.33 -2.02
N SER A 132 -13.64 -11.36 -1.14
CA SER A 132 -13.00 -11.50 0.14
C SER A 132 -13.81 -10.62 1.10
N GLY A 133 -14.08 -11.09 2.31
CA GLY A 133 -14.90 -10.33 3.24
C GLY A 133 -14.37 -8.96 3.60
N THR A 134 -13.06 -8.74 3.45
CA THR A 134 -12.50 -7.43 3.78
C THR A 134 -12.55 -6.45 2.58
N SER A 135 -13.08 -6.88 1.42
CA SER A 135 -13.08 -5.97 0.27
C SER A 135 -14.02 -4.78 0.44
N THR A 136 -13.67 -3.69 -0.21
CA THR A 136 -14.55 -2.51 -0.25
C THR A 136 -15.94 -2.88 -0.72
N LEU A 137 -16.04 -3.78 -1.70
CA LEU A 137 -17.37 -4.13 -2.21
C LEU A 137 -18.17 -4.85 -1.16
N CYS A 138 -17.55 -5.79 -0.42
CA CYS A 138 -18.34 -6.45 0.66
C CYS A 138 -18.83 -5.43 1.68
N LYS A 139 -18.00 -4.42 1.97
CA LYS A 139 -18.39 -3.38 2.92
C LYS A 139 -19.56 -2.55 2.37
N LEU A 140 -19.48 -2.16 1.12
CA LEU A 140 -20.56 -1.43 0.45
C LEU A 140 -21.87 -2.21 0.47
N VAL A 141 -21.82 -3.48 0.06
CA VAL A 141 -23.03 -4.29 0.01
C VAL A 141 -23.57 -4.45 1.44
N SER A 142 -22.68 -4.69 2.41
CA SER A 142 -23.11 -4.83 3.80
C SER A 142 -23.83 -3.57 4.28
N TRP A 143 -23.25 -2.41 3.99
CA TRP A 143 -23.88 -1.15 4.39
C TRP A 143 -25.22 -0.95 3.69
N TRP A 144 -25.22 -1.14 2.38
CA TRP A 144 -26.44 -1.02 1.58
C TRP A 144 -27.57 -1.86 2.17
N ASN A 145 -27.24 -3.08 2.56
CA ASN A 145 -28.30 -3.98 3.02
C ASN A 145 -28.80 -3.68 4.43
N THR A 146 -28.20 -2.71 5.12
CA THR A 146 -28.80 -2.25 6.37
C THR A 146 -29.98 -1.29 6.13
N GLU A 147 -30.22 -0.91 4.88
CA GLU A 147 -31.44 -0.16 4.51
C GLU A 147 -31.60 1.15 5.26
N VAL A 148 -30.50 1.89 5.33
CA VAL A 148 -30.55 3.23 5.91
C VAL A 148 -31.50 4.10 5.09
N PRO A 149 -32.39 4.85 5.75
CA PRO A 149 -33.22 5.81 5.01
C PRO A 149 -32.36 6.74 4.14
N ASN A 150 -32.81 6.91 2.90
CA ASN A 150 -32.19 7.82 1.94
C ASN A 150 -30.80 7.30 1.52
N ARG A 151 -30.64 5.97 1.53
CA ARG A 151 -29.35 5.38 1.12
C ARG A 151 -29.05 5.72 -0.34
N GLU A 152 -30.07 6.00 -1.15
CA GLU A 152 -29.82 6.32 -2.55
C GLU A 152 -29.10 7.67 -2.72
N SER A 153 -29.07 8.50 -1.67
CA SER A 153 -28.39 9.79 -1.71
C SER A 153 -26.99 9.75 -1.11
N ALA A 154 -26.53 8.57 -0.78
CA ALA A 154 -25.21 8.40 -0.21
C ALA A 154 -24.14 8.28 -1.28
N VAL A 155 -22.89 8.43 -0.85
CA VAL A 155 -21.75 8.16 -1.71
C VAL A 155 -20.68 7.40 -0.91
N LEU A 156 -19.93 6.54 -1.60
CA LEU A 156 -18.81 5.85 -0.98
C LEU A 156 -17.52 6.58 -1.26
N LEU A 157 -16.69 6.72 -0.22
CA LEU A 157 -15.31 7.20 -0.38
C LEU A 157 -14.38 6.28 0.37
N HIS A 158 -13.21 6.00 -0.22
CA HIS A 158 -12.15 5.36 0.52
C HIS A 158 -11.49 6.40 1.42
N GLN A 159 -10.78 5.94 2.43
CA GLN A 159 -10.15 6.84 3.40
C GLN A 159 -9.32 7.92 2.70
N ALA A 160 -8.49 7.54 1.74
CA ALA A 160 -7.66 8.57 1.07
C ALA A 160 -8.55 9.56 0.34
N ASP A 161 -9.58 9.05 -0.35
CA ASP A 161 -10.49 9.94 -1.10
C ASP A 161 -11.11 10.98 -0.17
N TRP A 162 -11.56 10.51 1.00
CA TRP A 162 -12.30 11.34 1.94
C TRP A 162 -11.38 12.43 2.50
N LEU A 163 -10.15 12.06 2.90
CA LEU A 163 -9.24 13.07 3.43
C LEU A 163 -8.89 14.12 2.33
N LEU A 164 -8.70 13.65 1.09
CA LEU A 164 -8.44 14.60 -0.01
C LEU A 164 -9.65 15.50 -0.24
N TRP A 165 -10.86 14.95 -0.19
CA TRP A 165 -12.08 15.75 -0.36
C TRP A 165 -12.22 16.84 0.73
N LEU A 166 -11.73 16.58 1.95
CA LEU A 166 -11.69 17.66 2.95
C LEU A 166 -10.87 18.83 2.43
N LEU A 167 -9.84 18.55 1.64
CA LEU A 167 -8.94 19.59 1.13
C LEU A 167 -9.44 20.28 -0.13
N HIS A 168 -10.13 19.56 -1.04
CA HIS A 168 -10.49 20.17 -2.33
C HIS A 168 -12.00 20.45 -2.47
N GLY A 169 -12.84 19.78 -1.70
CA GLY A 169 -14.27 20.10 -1.73
C GLY A 169 -15.07 19.72 -2.96
N ARG A 170 -14.49 18.95 -3.87
CA ARG A 170 -15.24 18.33 -4.96
C ARG A 170 -15.50 16.86 -4.49
N LEU A 171 -16.72 16.54 -4.12
CA LEU A 171 -17.01 15.18 -3.61
C LEU A 171 -16.63 14.13 -4.66
N GLY A 172 -16.61 12.88 -4.22
CA GLY A 172 -16.70 11.72 -5.07
C GLY A 172 -15.59 11.47 -6.06
N VAL A 173 -14.30 11.62 -5.70
CA VAL A 173 -13.25 11.14 -6.65
C VAL A 173 -12.20 10.20 -6.00
N SER A 174 -11.88 9.10 -6.70
CA SER A 174 -10.88 8.16 -6.21
C SER A 174 -9.84 7.92 -7.29
N ASP A 175 -9.00 6.92 -7.07
CA ASP A 175 -7.90 6.58 -8.01
C ASP A 175 -7.86 5.09 -8.31
N TYR A 176 -7.16 4.73 -9.40
CA TYR A 176 -7.05 3.37 -9.85
C TYR A 176 -6.69 2.37 -8.78
N ASN A 177 -5.87 2.82 -7.82
CA ASN A 177 -5.38 1.90 -6.80
C ASN A 177 -6.38 1.72 -5.68
N ASN A 178 -6.81 2.82 -5.07
CA ASN A 178 -7.80 2.70 -4.00
C ASN A 178 -9.07 1.97 -4.43
N ALA A 179 -9.46 2.14 -5.70
CA ALA A 179 -10.75 1.59 -6.14
C ALA A 179 -10.69 0.14 -6.57
N LEU A 180 -9.51 -0.50 -6.58
CA LEU A 180 -9.43 -1.89 -7.07
C LEU A 180 -10.33 -2.82 -6.26
N LYS A 181 -10.34 -2.66 -4.93
CA LYS A 181 -11.06 -3.62 -4.09
C LYS A 181 -12.59 -3.41 -4.05
N VAL A 182 -13.11 -2.40 -4.76
CA VAL A 182 -14.56 -2.30 -4.92
C VAL A 182 -14.99 -2.87 -6.27
N GLY A 183 -14.03 -3.17 -7.16
CA GLY A 183 -14.35 -3.82 -8.43
C GLY A 183 -13.95 -3.00 -9.66
N TYR A 184 -13.37 -1.81 -9.45
CA TYR A 184 -12.91 -1.02 -10.57
C TYR A 184 -11.85 -1.76 -11.39
N ASP A 185 -11.93 -1.63 -12.70
CA ASP A 185 -10.96 -2.29 -13.60
C ASP A 185 -10.03 -1.23 -14.19
N PRO A 186 -8.79 -1.13 -13.70
CA PRO A 186 -7.93 -0.06 -14.23
C PRO A 186 -7.39 -0.33 -15.63
N GLU A 187 -7.60 -1.53 -16.17
CA GLU A 187 -7.17 -1.81 -17.54
C GLU A 187 -8.15 -1.19 -18.54
N SER A 188 -9.44 -1.34 -18.30
CA SER A 188 -10.45 -0.69 -19.13
C SER A 188 -10.79 0.72 -18.63
N GLU A 189 -10.25 1.06 -17.47
CA GLU A 189 -10.54 2.34 -16.81
C GLU A 189 -12.06 2.52 -16.66
N SER A 190 -12.69 1.51 -16.07
CA SER A 190 -14.12 1.52 -15.91
C SER A 190 -14.53 0.58 -14.82
N TYR A 191 -15.74 0.80 -14.30
CA TYR A 191 -16.38 -0.19 -13.47
C TYR A 191 -17.07 -1.19 -14.41
N PRO A 192 -16.96 -2.50 -14.10
CA PRO A 192 -17.53 -3.50 -15.01
C PRO A 192 -19.04 -3.58 -14.97
N SER A 193 -19.65 -4.14 -15.99
CA SER A 193 -21.10 -4.19 -16.06
C SER A 193 -21.71 -5.03 -14.91
N TRP A 194 -21.00 -6.04 -14.42
CA TRP A 194 -21.57 -6.85 -13.34
C TRP A 194 -21.77 -6.01 -12.07
N LEU A 195 -20.96 -4.96 -11.92
CA LEU A 195 -21.06 -4.06 -10.76
C LEU A 195 -22.06 -2.94 -11.05
N LEU A 196 -21.93 -2.32 -12.23
CA LEU A 196 -22.85 -1.24 -12.59
C LEU A 196 -24.29 -1.74 -12.68
N GLY A 197 -24.50 -3.05 -12.84
CA GLY A 197 -25.84 -3.59 -12.90
C GLY A 197 -26.58 -3.61 -11.57
N GLN A 198 -25.90 -3.31 -10.47
CA GLN A 198 -26.49 -3.37 -9.15
C GLN A 198 -26.73 -1.97 -8.61
N PRO A 199 -27.77 -1.80 -7.77
CA PRO A 199 -28.20 -0.43 -7.47
C PRO A 199 -27.21 0.31 -6.56
N TYR A 200 -26.44 -0.41 -5.74
CA TYR A 200 -25.42 0.26 -4.91
C TYR A 200 -24.28 0.83 -5.75
N SER A 201 -24.22 0.50 -7.06
CA SER A 201 -23.18 1.10 -7.90
C SER A 201 -23.36 2.62 -7.99
N GLN A 202 -24.56 3.13 -7.68
CA GLN A 202 -24.81 4.55 -7.69
C GLN A 202 -23.99 5.33 -6.64
N LEU A 203 -23.49 4.61 -5.63
CA LEU A 203 -22.66 5.21 -4.59
C LEU A 203 -21.18 5.35 -5.02
N LEU A 204 -20.77 4.72 -6.15
CA LEU A 204 -19.35 4.64 -6.46
C LEU A 204 -18.78 5.98 -6.89
N PRO A 205 -17.52 6.26 -6.51
CA PRO A 205 -16.91 7.53 -6.90
C PRO A 205 -16.40 7.50 -8.34
N LYS A 206 -16.25 8.68 -8.93
CA LYS A 206 -15.50 8.75 -10.19
C LYS A 206 -14.05 8.35 -9.90
N VAL A 207 -13.34 7.86 -10.92
CA VAL A 207 -11.98 7.36 -10.70
C VAL A 207 -11.02 7.94 -11.73
N GLN A 208 -9.90 8.47 -11.23
CA GLN A 208 -8.83 9.00 -12.07
C GLN A 208 -7.54 8.24 -11.81
N ALA A 209 -6.47 8.53 -12.57
CA ALA A 209 -5.18 7.95 -12.26
C ALA A 209 -4.65 8.53 -10.93
N PRO A 210 -3.85 7.74 -10.20
CA PRO A 210 -3.13 8.27 -9.01
C PRO A 210 -2.24 9.45 -9.41
N GLY A 211 -2.16 10.44 -8.55
CA GLY A 211 -1.28 11.58 -8.83
C GLY A 211 -1.76 12.47 -9.98
N THR A 212 -3.09 12.69 -10.07
CA THR A 212 -3.63 13.64 -11.02
C THR A 212 -4.45 14.69 -10.30
N SER A 213 -4.43 15.91 -10.83
CA SER A 213 -5.10 17.02 -10.18
C SER A 213 -6.60 16.79 -10.10
N ILE A 214 -7.15 17.17 -8.93
CA ILE A 214 -8.59 17.20 -8.72
C ILE A 214 -9.12 18.64 -8.77
N GLY A 215 -8.39 19.55 -8.14
CA GLY A 215 -8.81 20.94 -8.09
C GLY A 215 -7.89 21.71 -7.17
N ASN A 216 -8.16 23.00 -7.04
CA ASN A 216 -7.35 23.83 -6.16
C ASN A 216 -7.66 23.51 -4.70
N LEU A 217 -6.65 23.69 -3.85
CA LEU A 217 -6.84 23.65 -2.40
C LEU A 217 -7.91 24.65 -1.99
N LYS A 218 -8.83 24.24 -1.11
CA LYS A 218 -9.88 25.16 -0.62
C LYS A 218 -9.31 26.40 0.06
N GLU A 219 -10.01 27.52 -0.13
CA GLU A 219 -9.56 28.81 0.40
C GLU A 219 -9.42 28.74 1.94
N SER A 220 -10.22 27.88 2.58
CA SER A 220 -10.14 27.81 4.02
C SER A 220 -8.73 27.42 4.45
N PHE A 221 -8.11 26.52 3.68
CA PHE A 221 -6.76 26.08 3.99
C PHE A 221 -5.69 27.07 3.55
N THR A 222 -5.89 27.76 2.44
CA THR A 222 -4.91 28.73 2.06
C THR A 222 -4.94 29.85 3.09
N ARG A 223 -6.12 30.26 3.54
CA ARG A 223 -6.24 31.35 4.51
C ARG A 223 -5.66 30.90 5.85
N GLN A 224 -6.04 29.71 6.30
CA GLN A 224 -5.67 29.33 7.66
C GLN A 224 -4.17 28.93 7.79
N PHE A 225 -3.63 28.28 6.75
CA PHE A 225 -2.29 27.71 6.85
C PHE A 225 -1.25 28.39 5.97
N GLY A 226 -1.67 29.32 5.12
CA GLY A 226 -0.69 30.07 4.33
C GLY A 226 -0.18 29.32 3.10
N PHE A 227 -0.88 28.29 2.64
CA PHE A 227 -0.56 27.70 1.34
C PHE A 227 -0.85 28.74 0.24
N PRO A 228 -0.10 28.67 -0.87
CA PRO A 228 -0.39 29.57 -1.99
C PRO A 228 -1.75 29.28 -2.63
N ASP A 229 -2.38 30.32 -3.16
CA ASP A 229 -3.73 30.21 -3.73
C ASP A 229 -3.80 29.24 -4.88
N ASP A 230 -2.68 29.01 -5.56
CA ASP A 230 -2.70 28.08 -6.69
C ASP A 230 -2.30 26.67 -6.33
N CYS A 231 -2.14 26.39 -5.03
CA CYS A 231 -1.87 25.00 -4.62
C CYS A 231 -2.98 24.08 -5.11
N ILE A 232 -2.63 22.93 -5.66
CA ILE A 232 -3.62 21.95 -6.10
C ILE A 232 -3.63 20.73 -5.17
N VAL A 233 -4.70 19.95 -5.29
CA VAL A 233 -4.86 18.71 -4.56
C VAL A 233 -5.02 17.63 -5.60
N CYS A 234 -4.27 16.54 -5.45
CA CYS A 234 -4.25 15.46 -6.40
C CYS A 234 -4.74 14.16 -5.79
N THR A 235 -5.23 13.27 -6.65
CA THR A 235 -5.58 11.93 -6.19
C THR A 235 -4.39 11.23 -5.58
N GLY A 236 -4.69 10.29 -4.70
CA GLY A 236 -3.66 9.53 -3.99
C GLY A 236 -3.54 8.10 -4.43
N THR A 237 -3.37 7.23 -3.44
CA THR A 237 -3.13 5.83 -3.65
C THR A 237 -3.26 5.13 -2.31
N THR A 238 -2.94 3.84 -2.27
CA THR A 238 -2.92 3.12 -1.00
C THR A 238 -1.54 3.17 -0.34
N ASP A 239 -1.50 2.96 0.96
CA ASP A 239 -0.20 3.04 1.64
C ASP A 239 0.84 2.03 1.09
N SER A 240 0.42 0.82 0.78
CA SER A 240 1.38 -0.17 0.25
C SER A 240 2.01 0.29 -1.06
N ILE A 241 1.20 0.89 -1.92
CA ILE A 241 1.72 1.34 -3.20
C ILE A 241 2.55 2.60 -3.04
N ALA A 242 2.13 3.52 -2.17
CA ALA A 242 2.93 4.72 -1.89
C ALA A 242 4.32 4.32 -1.40
N ALA A 243 4.41 3.30 -0.53
CA ALA A 243 5.72 2.87 -0.04
C ALA A 243 6.58 2.31 -1.20
N PHE A 244 5.98 1.55 -2.11
CA PHE A 244 6.69 1.11 -3.32
C PHE A 244 7.17 2.30 -4.17
N LEU A 245 6.29 3.28 -4.36
CA LEU A 245 6.63 4.47 -5.17
C LEU A 245 7.86 5.19 -4.61
N ALA A 246 8.00 5.20 -3.29
CA ALA A 246 9.12 5.87 -2.65
C ALA A 246 10.47 5.37 -3.12
N ALA A 247 10.54 4.12 -3.62
CA ALA A 247 11.84 3.58 -4.11
C ALA A 247 12.30 4.23 -5.41
N ARG A 248 11.41 5.02 -6.05
CA ARG A 248 11.73 5.82 -7.25
C ARG A 248 12.09 4.90 -8.41
N ALA A 249 11.60 3.66 -8.38
CA ALA A 249 11.76 2.68 -9.49
C ALA A 249 10.55 2.68 -10.38
N THR A 250 10.76 2.95 -11.65
CA THR A 250 9.62 3.12 -12.52
C THR A 250 9.71 2.35 -13.80
N GLU A 251 10.79 1.60 -14.03
CA GLU A 251 10.87 0.84 -15.27
C GLU A 251 10.43 -0.61 -15.10
N PRO A 252 9.79 -1.19 -16.13
CA PRO A 252 9.49 -2.62 -16.07
C PRO A 252 10.75 -3.44 -15.78
N GLY A 253 10.59 -4.43 -14.90
CA GLY A 253 11.69 -5.27 -14.49
C GLY A 253 12.33 -4.80 -13.20
N LYS A 254 12.00 -3.59 -12.76
CA LYS A 254 12.45 -3.16 -11.43
C LYS A 254 11.54 -3.73 -10.37
N ALA A 255 12.12 -4.13 -9.23
CA ALA A 255 11.34 -4.78 -8.16
C ALA A 255 11.71 -4.23 -6.83
N VAL A 256 10.79 -4.31 -5.87
CA VAL A 256 11.13 -4.06 -4.48
C VAL A 256 10.72 -5.25 -3.65
N THR A 257 11.69 -5.79 -2.90
CA THR A 257 11.42 -6.78 -1.87
C THR A 257 11.34 -6.09 -0.54
N SER A 258 10.27 -6.35 0.22
CA SER A 258 10.16 -5.90 1.59
C SER A 258 10.50 -7.06 2.52
N LEU A 259 11.62 -6.93 3.21
CA LEU A 259 12.09 -7.94 4.15
C LEU A 259 11.58 -7.55 5.52
N GLY A 260 10.28 -7.67 5.67
CA GLY A 260 9.59 -7.27 6.90
C GLY A 260 9.16 -8.50 7.67
N SER A 261 8.11 -8.37 8.49
CA SER A 261 7.66 -9.51 9.25
C SER A 261 7.29 -10.66 8.36
N THR A 262 6.74 -10.32 7.19
CA THR A 262 6.60 -11.28 6.10
C THR A 262 7.37 -10.76 4.90
N LEU A 263 7.66 -11.67 3.97
CA LEU A 263 8.39 -11.36 2.75
C LEU A 263 7.42 -10.98 1.65
N ALA A 264 7.42 -9.72 1.26
CA ALA A 264 6.50 -9.26 0.22
C ALA A 264 7.33 -8.77 -0.94
N ILE A 265 6.96 -9.17 -2.17
CA ILE A 265 7.68 -8.70 -3.33
C ILE A 265 6.73 -7.99 -4.29
N LYS A 266 7.27 -7.02 -5.02
CA LYS A 266 6.53 -6.21 -5.98
C LYS A 266 7.41 -6.02 -7.20
N LEU A 267 6.83 -6.28 -8.37
CA LEU A 267 7.56 -6.28 -9.61
C LEU A 267 6.82 -5.41 -10.63
N LEU A 268 7.53 -4.46 -11.22
CA LEU A 268 6.90 -3.63 -12.27
C LEU A 268 6.90 -4.35 -13.60
N SER A 269 5.76 -4.31 -14.27
CA SER A 269 5.55 -5.17 -15.42
C SER A 269 4.84 -4.44 -16.56
N THR A 270 5.19 -4.73 -17.80
CA THR A 270 4.35 -4.21 -18.91
C THR A 270 3.07 -5.03 -19.09
N LYS A 271 3.01 -6.22 -18.47
CA LYS A 271 1.89 -7.13 -18.60
C LYS A 271 1.16 -7.27 -17.27
N ARG A 272 -0.17 -7.19 -17.32
CA ARG A 272 -1.00 -7.39 -16.13
C ARG A 272 -0.98 -8.86 -15.69
N VAL A 273 -0.89 -9.11 -14.39
CA VAL A 273 -0.89 -10.48 -13.89
C VAL A 273 -1.87 -10.59 -12.70
N ASP A 274 -2.84 -11.50 -12.82
CA ASP A 274 -3.73 -11.80 -11.70
C ASP A 274 -3.93 -13.29 -11.61
N ASP A 275 -3.70 -13.85 -10.43
CA ASP A 275 -3.84 -15.31 -10.29
C ASP A 275 -4.31 -15.63 -8.88
N ALA A 276 -5.56 -16.06 -8.74
CA ALA A 276 -6.10 -16.32 -7.42
C ALA A 276 -5.46 -17.51 -6.72
N ARG A 277 -4.91 -18.46 -7.47
CA ARG A 277 -4.27 -19.63 -6.84
C ARG A 277 -3.19 -19.17 -5.87
N TYR A 278 -2.45 -18.15 -6.29
CA TYR A 278 -1.31 -17.68 -5.54
C TYR A 278 -1.54 -16.34 -4.87
N GLY A 279 -2.77 -15.85 -4.94
CA GLY A 279 -3.10 -14.53 -4.38
C GLY A 279 -2.34 -13.39 -5.02
N VAL A 280 -1.99 -13.57 -6.31
CA VAL A 280 -1.28 -12.55 -7.03
C VAL A 280 -2.25 -11.60 -7.69
N TYR A 281 -1.94 -10.32 -7.52
CA TYR A 281 -2.80 -9.24 -7.96
C TYR A 281 -1.96 -8.14 -8.58
N SER A 282 -2.55 -7.45 -9.57
CA SER A 282 -1.90 -6.28 -10.18
C SER A 282 -2.61 -4.96 -9.92
N HIS A 283 -1.82 -3.93 -9.63
CA HIS A 283 -2.29 -2.54 -9.61
C HIS A 283 -1.72 -1.77 -10.78
N ARG A 284 -2.44 -0.76 -11.23
CA ARG A 284 -1.89 0.03 -12.30
C ARG A 284 -0.96 1.12 -11.74
N LEU A 285 0.18 1.32 -12.39
CA LEU A 285 1.11 2.39 -12.02
C LEU A 285 1.58 3.05 -13.27
N ASP A 286 1.30 4.33 -13.37
CA ASP A 286 1.50 5.03 -14.63
C ASP A 286 0.87 4.12 -15.73
N ASP A 287 1.62 3.76 -16.77
CA ASP A 287 1.15 2.93 -17.89
C ASP A 287 1.56 1.46 -17.79
N LYS A 288 1.88 1.04 -16.57
CA LYS A 288 2.44 -0.29 -16.28
C LYS A 288 1.64 -0.93 -15.15
N TRP A 289 2.07 -2.12 -14.77
CA TRP A 289 1.38 -2.93 -13.78
C TRP A 289 2.34 -3.28 -12.67
N LEU A 290 1.90 -3.06 -11.44
CA LEU A 290 2.68 -3.47 -10.29
C LEU A 290 2.14 -4.82 -9.80
N VAL A 291 2.97 -5.87 -9.89
CA VAL A 291 2.57 -7.25 -9.59
C VAL A 291 3.12 -7.66 -8.25
N GLY A 292 2.26 -8.07 -7.33
CA GLY A 292 2.68 -8.39 -5.97
C GLY A 292 2.34 -9.79 -5.51
N GLY A 293 3.17 -10.33 -4.62
CA GLY A 293 2.90 -11.60 -3.94
C GLY A 293 3.54 -11.53 -2.57
N ALA A 294 3.08 -12.31 -1.61
CA ALA A 294 3.70 -12.31 -0.28
C ALA A 294 3.76 -13.68 0.30
N SER A 295 4.89 -13.96 0.91
CA SER A 295 5.18 -15.23 1.58
C SER A 295 5.12 -15.05 3.09
N ASN A 296 4.75 -16.13 3.78
CA ASN A 296 4.79 -16.14 5.26
C ASN A 296 6.20 -16.27 5.85
N THR A 297 7.23 -16.45 5.01
CA THR A 297 8.58 -16.48 5.57
C THR A 297 9.02 -15.04 5.90
N GLY A 298 10.21 -14.89 6.48
CA GLY A 298 10.77 -13.57 6.71
C GLY A 298 11.03 -13.24 8.16
N GLY A 299 10.69 -12.01 8.54
CA GLY A 299 11.06 -11.45 9.81
C GLY A 299 10.42 -12.09 11.04
N ALA A 300 9.17 -12.52 10.94
CA ALA A 300 8.51 -13.07 12.12
C ALA A 300 9.20 -14.35 12.57
N ILE A 301 9.61 -15.18 11.61
CA ILE A 301 10.32 -16.38 12.02
C ILE A 301 11.74 -16.01 12.45
N LEU A 302 12.37 -15.04 11.79
CA LEU A 302 13.68 -14.59 12.27
C LEU A 302 13.61 -14.15 13.74
N ARG A 303 12.58 -13.36 14.08
CA ARG A 303 12.43 -12.84 15.43
C ARG A 303 12.15 -13.92 16.45
N GLN A 304 11.41 -14.96 16.05
CA GLN A 304 11.14 -16.10 16.93
C GLN A 304 12.46 -16.76 17.37
N LEU A 305 13.44 -16.75 16.46
CA LEU A 305 14.74 -17.41 16.69
C LEU A 305 15.83 -16.50 17.26
N PHE A 306 15.81 -15.22 16.90
CA PHE A 306 16.94 -14.32 17.17
C PHE A 306 16.45 -12.90 17.43
N SER A 307 17.05 -12.23 18.40
CA SER A 307 16.83 -10.81 18.58
C SER A 307 17.48 -10.00 17.47
N ASP A 308 17.09 -8.74 17.35
CA ASP A 308 17.72 -7.90 16.35
C ASP A 308 19.24 -7.82 16.58
N GLU A 309 19.63 -7.76 17.86
CA GLU A 309 21.05 -7.63 18.17
C GLU A 309 21.74 -8.90 17.74
N GLN A 310 21.12 -10.04 17.98
CA GLN A 310 21.73 -11.29 17.52
C GLN A 310 21.83 -11.34 16.00
N LEU A 311 20.80 -10.90 15.29
CA LEU A 311 20.89 -10.96 13.84
C LEU A 311 22.06 -10.13 13.33
N GLU A 312 22.22 -8.89 13.84
CA GLU A 312 23.37 -8.08 13.47
C GLU A 312 24.70 -8.75 13.82
N ARG A 313 24.86 -9.23 15.05
CA ARG A 313 26.14 -9.80 15.47
C ARG A 313 26.50 -11.10 14.71
N LEU A 314 25.55 -12.04 14.65
CA LEU A 314 25.77 -13.30 13.94
C LEU A 314 26.04 -13.03 12.46
N SER A 315 25.34 -12.06 11.87
CA SER A 315 25.49 -11.83 10.44
C SER A 315 26.92 -11.37 10.16
N GLN A 316 27.53 -10.70 11.12
CA GLN A 316 28.91 -10.24 10.95
C GLN A 316 29.87 -11.40 10.66
N GLU A 317 29.55 -12.59 11.16
CA GLU A 317 30.40 -13.77 11.00
C GLU A 317 30.16 -14.56 9.72
N ILE A 318 29.15 -14.17 8.96
CA ILE A 318 28.83 -14.88 7.75
C ILE A 318 29.71 -14.43 6.59
N ASN A 319 30.19 -15.39 5.79
CA ASN A 319 30.81 -15.08 4.50
C ASN A 319 29.73 -15.22 3.43
N PRO A 320 29.21 -14.08 2.97
CA PRO A 320 28.05 -14.13 2.08
C PRO A 320 28.39 -14.63 0.67
N MET A 321 29.68 -14.79 0.33
CA MET A 321 30.04 -15.29 -0.99
C MET A 321 30.11 -16.82 -1.04
N VAL A 322 29.92 -17.47 0.10
CA VAL A 322 29.90 -18.93 0.16
C VAL A 322 28.46 -19.37 0.36
N GLY A 323 28.00 -20.35 -0.42
CA GLY A 323 26.63 -20.79 -0.30
C GLY A 323 26.43 -21.71 0.90
N SER A 324 25.30 -21.55 1.59
CA SER A 324 24.92 -22.52 2.62
C SER A 324 24.40 -23.80 1.99
N PRO A 325 24.77 -24.97 2.53
CA PRO A 325 24.21 -26.24 2.04
C PRO A 325 22.79 -26.50 2.54
N LEU A 326 22.28 -25.65 3.43
CA LEU A 326 21.03 -25.95 4.12
C LEU A 326 19.82 -25.55 3.31
N ASP A 327 18.90 -26.49 3.16
CA ASP A 327 17.64 -26.27 2.47
C ASP A 327 16.54 -26.09 3.49
N TYR A 328 16.19 -24.84 3.78
CA TYR A 328 15.13 -24.56 4.74
C TYR A 328 13.91 -23.95 4.08
N TYR A 329 12.78 -24.08 4.73
CA TYR A 329 11.61 -23.28 4.38
C TYR A 329 11.15 -22.62 5.68
N PRO A 330 11.72 -21.43 5.99
CA PRO A 330 11.52 -20.91 7.35
C PRO A 330 10.10 -20.36 7.55
N LEU A 331 9.36 -20.91 8.51
CA LEU A 331 7.99 -20.50 8.83
C LEU A 331 7.78 -20.69 10.32
N GLN A 332 6.88 -19.89 10.91
CA GLN A 332 6.46 -20.11 12.28
C GLN A 332 5.48 -21.27 12.43
N SER A 333 4.65 -21.47 11.42
CA SER A 333 3.65 -22.54 11.47
C SER A 333 3.32 -22.90 10.04
N SER A 334 2.52 -23.94 9.84
CA SER A 334 2.27 -24.40 8.48
C SER A 334 1.42 -23.46 7.63
N GLY A 335 1.72 -23.45 6.33
CA GLY A 335 0.85 -22.81 5.37
C GLY A 335 1.50 -21.73 4.53
N GLU A 336 1.19 -21.74 3.24
CA GLU A 336 1.76 -20.75 2.31
C GLU A 336 0.77 -20.59 1.18
N ARG A 337 0.68 -19.38 0.63
CA ARG A 337 -0.12 -19.11 -0.55
C ARG A 337 0.78 -18.77 -1.74
N PHE A 338 1.90 -18.10 -1.45
CA PHE A 338 2.83 -17.60 -2.48
C PHE A 338 4.22 -17.71 -1.89
N PRO A 339 5.20 -18.28 -2.63
CA PRO A 339 5.13 -18.73 -4.03
C PRO A 339 4.75 -20.20 -4.18
N ILE A 340 4.30 -20.79 -3.07
CA ILE A 340 3.79 -22.15 -3.09
C ILE A 340 2.38 -22.11 -2.52
N ALA A 341 1.40 -22.65 -3.25
CA ALA A 341 -0.01 -22.59 -2.83
C ALA A 341 -0.33 -23.91 -2.09
N ASP A 342 -0.06 -23.95 -0.81
CA ASP A 342 -0.25 -25.14 0.01
C ASP A 342 -0.53 -24.75 1.43
N PRO A 343 -1.80 -24.85 1.85
CA PRO A 343 -2.16 -24.41 3.20
C PRO A 343 -1.57 -25.29 4.27
N ASN A 344 -1.02 -26.43 3.88
CA ASN A 344 -0.39 -27.34 4.84
C ASN A 344 1.13 -27.38 4.75
N LEU A 345 1.71 -26.45 3.99
CA LEU A 345 3.16 -26.50 3.80
C LEU A 345 3.88 -26.42 5.15
N ALA A 346 4.70 -27.43 5.45
CA ALA A 346 5.38 -27.47 6.75
C ALA A 346 6.57 -26.51 6.83
N PRO A 347 6.78 -25.90 8.00
CA PRO A 347 8.07 -25.24 8.23
C PRO A 347 9.19 -26.27 8.07
N ARG A 348 10.33 -25.87 7.57
CA ARG A 348 11.48 -26.76 7.53
C ARG A 348 12.70 -25.98 8.04
N LEU A 349 13.12 -26.32 9.24
CA LEU A 349 14.31 -25.73 9.88
C LEU A 349 15.26 -26.81 10.45
N LEU A 350 15.19 -28.01 9.85
CA LEU A 350 16.10 -29.13 10.19
C LEU A 350 16.88 -29.48 8.95
N PRO A 351 18.12 -29.95 9.11
CA PRO A 351 18.86 -30.05 10.39
C PRO A 351 19.24 -28.67 10.90
N ARG A 352 19.31 -28.50 12.21
CA ARG A 352 19.80 -27.27 12.81
C ARG A 352 21.21 -27.48 13.29
N PRO A 353 22.17 -26.83 12.64
CA PRO A 353 23.56 -27.09 13.04
C PRO A 353 23.81 -26.51 14.40
N GLU A 354 24.83 -26.99 15.07
CA GLU A 354 25.13 -26.44 16.38
C GLU A 354 25.59 -24.98 16.30
N SER A 355 26.24 -24.57 15.21
CA SER A 355 26.61 -23.17 15.03
C SER A 355 25.40 -22.27 14.70
N ASP A 356 25.14 -21.28 15.55
CA ASP A 356 24.08 -20.35 15.21
C ASP A 356 24.42 -19.53 13.97
N VAL A 357 25.68 -19.26 13.71
CA VAL A 357 26.06 -18.56 12.47
C VAL A 357 25.71 -19.39 11.24
N GLU A 358 26.05 -20.69 11.25
CA GLU A 358 25.68 -21.53 10.13
C GLU A 358 24.17 -21.63 10.02
N PHE A 359 23.50 -21.75 11.16
CA PHE A 359 22.03 -21.83 11.14
C PHE A 359 21.43 -20.58 10.49
N LEU A 360 21.88 -19.40 10.94
CA LEU A 360 21.35 -18.16 10.38
C LEU A 360 21.67 -18.02 8.91
N HIS A 361 22.89 -18.37 8.51
CA HIS A 361 23.26 -18.33 7.10
C HIS A 361 22.25 -19.19 6.28
N GLY A 362 21.97 -20.40 6.76
CA GLY A 362 20.98 -21.25 6.11
C GLY A 362 19.62 -20.59 6.01
N ILE A 363 19.17 -19.92 7.08
CA ILE A 363 17.88 -19.26 7.04
C ILE A 363 17.87 -18.10 6.07
N LEU A 364 18.90 -17.25 6.11
CA LEU A 364 18.93 -16.11 5.20
C LEU A 364 19.03 -16.54 3.75
N GLU A 365 19.86 -17.54 3.47
CA GLU A 365 19.99 -18.05 2.12
C GLU A 365 18.68 -18.68 1.63
N SER A 366 18.01 -19.40 2.52
CA SER A 366 16.77 -20.08 2.15
C SER A 366 15.66 -19.06 1.91
N ILE A 367 15.61 -17.97 2.70
CA ILE A 367 14.62 -16.94 2.43
C ILE A 367 14.94 -16.29 1.07
N ALA A 368 16.21 -16.10 0.74
CA ALA A 368 16.59 -15.61 -0.59
C ALA A 368 16.11 -16.56 -1.70
N ARG A 369 16.21 -17.88 -1.47
CA ARG A 369 15.68 -18.84 -2.44
C ARG A 369 14.16 -18.64 -2.64
N ILE A 370 13.43 -18.42 -1.54
CA ILE A 370 11.99 -18.23 -1.62
C ILE A 370 11.68 -16.93 -2.39
N GLU A 371 12.41 -15.87 -2.07
CA GLU A 371 12.31 -14.61 -2.81
C GLU A 371 12.52 -14.83 -4.32
N GLY A 372 13.60 -15.55 -4.68
CA GLY A 372 13.89 -15.84 -6.09
C GLY A 372 12.76 -16.64 -6.73
N LYS A 373 12.25 -17.63 -5.99
CA LYS A 373 11.18 -18.45 -6.49
C LYS A 373 9.93 -17.58 -6.74
N GLY A 374 9.70 -16.60 -5.87
CA GLY A 374 8.59 -15.67 -6.04
C GLY A 374 8.74 -14.86 -7.34
N TYR A 375 9.93 -14.26 -7.57
CA TYR A 375 10.07 -13.51 -8.82
C TYR A 375 9.96 -14.40 -10.06
N LYS A 376 10.47 -15.63 -9.97
CA LYS A 376 10.33 -16.59 -11.06
C LYS A 376 8.88 -16.91 -11.34
N LEU A 377 8.10 -17.07 -10.28
CA LEU A 377 6.67 -17.37 -10.46
C LEU A 377 5.97 -16.20 -11.14
N LEU A 378 6.25 -14.99 -10.68
CA LEU A 378 5.58 -13.84 -11.30
C LEU A 378 5.90 -13.78 -12.79
N LYS A 379 7.15 -14.01 -13.15
CA LYS A 379 7.54 -14.04 -14.56
C LYS A 379 6.80 -15.14 -15.31
N GLU A 380 6.70 -16.34 -14.73
CA GLU A 380 6.01 -17.44 -15.42
C GLU A 380 4.51 -17.19 -15.54
N LEU A 381 3.95 -16.39 -14.65
CA LEU A 381 2.56 -15.94 -14.76
C LEU A 381 2.38 -14.80 -15.74
N GLY A 382 3.47 -14.27 -16.29
CA GLY A 382 3.37 -13.29 -17.36
C GLY A 382 4.08 -11.98 -17.08
N ALA A 383 4.61 -11.76 -15.87
CA ALA A 383 5.22 -10.46 -15.58
C ALA A 383 6.54 -10.27 -16.33
N THR A 384 6.87 -9.03 -16.64
CA THR A 384 8.22 -8.68 -17.07
C THR A 384 9.24 -9.24 -16.09
N GLU A 385 10.27 -9.93 -16.60
CA GLU A 385 11.24 -10.58 -15.74
C GLU A 385 12.01 -9.57 -14.85
N ALA A 386 12.21 -9.92 -13.58
CA ALA A 386 13.00 -9.03 -12.72
C ALA A 386 14.42 -8.82 -13.24
N GLU A 387 14.85 -7.55 -13.19
CA GLU A 387 16.18 -7.14 -13.64
C GLU A 387 17.03 -6.56 -12.51
N GLU A 388 16.39 -5.97 -11.50
CA GLU A 388 17.10 -5.39 -10.36
C GLU A 388 16.15 -5.40 -9.19
N VAL A 389 16.66 -5.74 -8.02
CA VAL A 389 15.80 -5.85 -6.84
C VAL A 389 16.28 -4.81 -5.79
N LEU A 390 15.39 -3.86 -5.48
CA LEU A 390 15.61 -2.91 -4.40
C LEU A 390 15.02 -3.48 -3.11
N THR A 391 15.53 -3.08 -1.97
CA THR A 391 15.17 -3.74 -0.71
C THR A 391 14.66 -2.73 0.31
N ALA A 392 13.54 -3.08 0.94
CA ALA A 392 12.91 -2.32 2.02
C ALA A 392 12.71 -3.25 3.21
N GLY A 393 12.23 -2.68 4.30
CA GLY A 393 11.97 -3.47 5.50
C GLY A 393 13.16 -3.62 6.42
N GLY A 394 12.91 -4.24 7.57
CA GLY A 394 13.93 -4.46 8.58
C GLY A 394 15.17 -5.17 8.10
N GLY A 395 15.03 -6.02 7.08
CA GLY A 395 16.17 -6.76 6.58
C GLY A 395 17.03 -5.99 5.62
N ALA A 396 16.57 -4.83 5.15
CA ALA A 396 17.37 -4.06 4.21
C ALA A 396 18.70 -3.55 4.79
N LYS A 397 18.74 -3.31 6.10
CA LYS A 397 19.97 -2.85 6.77
C LYS A 397 21.05 -3.93 6.89
N ASN A 398 20.74 -5.18 6.52
CA ASN A 398 21.69 -6.28 6.67
C ASN A 398 22.48 -6.43 5.38
N ASP A 399 23.66 -5.82 5.34
CA ASP A 399 24.41 -5.83 4.08
C ASP A 399 24.89 -7.22 3.70
N LYS A 400 25.20 -8.04 4.70
CA LYS A 400 25.53 -9.42 4.40
C LYS A 400 24.39 -10.11 3.66
N TRP A 401 23.16 -9.82 4.10
CA TRP A 401 22.01 -10.47 3.49
C TRP A 401 21.77 -9.91 2.09
N ILE A 402 22.02 -8.61 1.89
CA ILE A 402 22.00 -8.04 0.53
C ILE A 402 22.91 -8.86 -0.39
N LYS A 403 24.12 -9.15 0.08
CA LYS A 403 25.06 -9.88 -0.76
C LYS A 403 24.65 -11.33 -1.00
N ILE A 404 24.12 -11.97 0.05
CA ILE A 404 23.59 -13.31 -0.09
C ILE A 404 22.49 -13.33 -1.15
N ARG A 405 21.59 -12.34 -1.08
CA ARG A 405 20.47 -12.28 -2.00
C ARG A 405 20.94 -12.00 -3.40
N GLN A 406 21.90 -11.09 -3.56
CA GLN A 406 22.43 -10.83 -4.90
C GLN A 406 22.96 -12.14 -5.52
N ARG A 407 23.68 -12.93 -4.73
CA ARG A 407 24.24 -14.17 -5.24
C ARG A 407 23.15 -15.20 -5.57
N VAL A 408 22.20 -15.39 -4.66
CA VAL A 408 21.16 -16.39 -4.82
C VAL A 408 20.19 -15.99 -5.94
N LEU A 409 19.80 -14.72 -5.99
CA LEU A 409 18.87 -14.27 -7.04
C LEU A 409 19.52 -14.19 -8.42
N GLY A 410 20.84 -13.99 -8.42
CA GLY A 410 21.58 -13.79 -9.66
C GLY A 410 21.19 -12.52 -10.38
N LEU A 411 20.93 -11.47 -9.57
CA LEU A 411 20.50 -10.15 -10.03
C LEU A 411 21.14 -9.11 -9.11
N PRO A 412 21.33 -7.88 -9.61
CA PRO A 412 21.81 -6.81 -8.74
C PRO A 412 20.76 -6.50 -7.68
N VAL A 413 21.22 -6.43 -6.44
CA VAL A 413 20.38 -6.12 -5.29
C VAL A 413 20.97 -4.95 -4.51
N LYS A 414 20.13 -4.03 -4.09
CA LYS A 414 20.56 -2.94 -3.24
C LYS A 414 19.41 -2.46 -2.36
N LYS A 415 19.72 -1.53 -1.45
CA LYS A 415 18.71 -0.86 -0.63
C LYS A 415 17.91 0.14 -1.45
N ALA A 416 16.59 0.13 -1.27
CA ALA A 416 15.78 1.24 -1.75
C ALA A 416 16.24 2.52 -1.02
N VAL A 417 16.33 3.63 -1.73
CA VAL A 417 16.81 4.86 -1.09
C VAL A 417 15.75 5.46 -0.15
N HIS A 418 14.48 5.43 -0.53
CA HIS A 418 13.36 5.83 0.34
C HIS A 418 12.34 4.72 0.39
N THR A 419 11.69 4.59 1.54
CA THR A 419 10.70 3.55 1.72
C THR A 419 9.42 4.04 2.40
N GLU A 420 9.36 5.30 2.81
CA GLU A 420 8.15 5.82 3.48
C GLU A 420 7.03 6.08 2.52
N ALA A 421 5.84 5.58 2.87
CA ALA A 421 4.66 5.89 2.08
C ALA A 421 4.49 7.39 1.85
N SER A 422 4.70 8.21 2.88
CA SER A 422 4.47 9.65 2.70
C SER A 422 5.42 10.23 1.63
N TYR A 423 6.64 9.70 1.51
CA TYR A 423 7.56 10.10 0.44
C TYR A 423 6.95 9.74 -0.92
N GLY A 424 6.42 8.52 -1.04
CA GLY A 424 5.75 8.14 -2.28
C GLY A 424 4.54 9.02 -2.59
N ALA A 425 3.75 9.38 -1.58
CA ALA A 425 2.63 10.29 -1.82
C ALA A 425 3.15 11.66 -2.30
N SER A 426 4.31 12.12 -1.81
CA SER A 426 4.79 13.43 -2.24
C SER A 426 5.26 13.33 -3.72
N LEU A 427 5.69 12.15 -4.17
CA LEU A 427 6.00 11.99 -5.60
C LEU A 427 4.74 12.08 -6.43
N LEU A 428 3.61 11.60 -5.90
CA LEU A 428 2.33 11.73 -6.65
C LEU A 428 1.92 13.18 -6.71
N ALA A 429 2.16 13.95 -5.62
CA ALA A 429 1.86 15.38 -5.66
C ALA A 429 2.68 16.07 -6.78
N LEU A 430 3.94 15.71 -6.87
CA LEU A 430 4.84 16.25 -7.90
C LEU A 430 4.39 15.84 -9.28
N LYS A 431 4.03 14.56 -9.46
CA LYS A 431 3.49 14.10 -10.75
C LYS A 431 2.27 14.95 -11.18
N GLY A 432 1.32 15.11 -10.26
CA GLY A 432 0.13 15.86 -10.60
C GLY A 432 0.41 17.31 -10.95
N ALA A 433 1.34 17.93 -10.23
CA ALA A 433 1.74 19.32 -10.54
C ALA A 433 2.37 19.45 -11.93
N LYS A 434 3.23 18.49 -12.27
CA LYS A 434 3.88 18.54 -13.55
C LYS A 434 2.87 18.33 -14.68
N GLN A 435 1.93 17.42 -14.48
CA GLN A 435 0.91 17.18 -15.49
C GLN A 435 0.00 18.41 -15.61
N ASN A 436 -0.27 19.07 -14.48
CA ASN A 436 -1.18 20.21 -14.47
C ASN A 436 -0.59 21.47 -15.05
N SER A 437 0.72 21.53 -15.21
CA SER A 437 1.33 22.72 -15.77
C SER A 437 1.39 22.63 -17.30
#